data_6XZE
#
_entry.id   6XZE
#
_cell.length_a   62.601
_cell.length_b   71.645
_cell.length_c   121.690
_cell.angle_alpha   90.000
_cell.angle_beta   90.000
_cell.angle_gamma   90.000
#
_symmetry.space_group_name_H-M   'P 21 21 21'
#
loop_
_entity.id
_entity.type
_entity.pdbx_description
1 polymer 'Carbonic anhydrase 1'
2 non-polymer 'ZINC ION'
3 non-polymer 1-[2-[(2-fluorophenyl)methylamino]ethyl]-3-(4-sulfamoylphenyl)urea
4 water water
#
_entity_poly.entity_id   1
_entity_poly.type   'polypeptide(L)'
_entity_poly.pdbx_seq_one_letter_code
;MASPDWGYDDKNGPEQWSKLYPIANGNNQSPVDIKTSETKHDTSLKPISVSYNPATAKEIINVGHSFHVNFEDNDNRSVL
KGGPFSDSYRLFQFHFHWGSTNEHGSEHTVDGVKYSAELHVAHWNSAKYSSLAEAASKADGLAVIGVLMKVGEANPKLQK
VLDALQAIKTKGKRAPFTNFDPSTLLPSSLDFWTYPGSLTHPPLYESVTWIICKESISVSSEQLAQFRSLLSNVEGDNAV
PMQHNNRPTQPLKGRTVRASF
;
_entity_poly.pdbx_strand_id   A,B
#
loop_
_chem_comp.id
_chem_comp.type
_chem_comp.name
_chem_comp.formula
O4Z non-polymer 1-[2-[(2-fluorophenyl)methylamino]ethyl]-3-(4-sulfamoylphenyl)urea 'C16 H19 F N4 O3 S'
ZN non-polymer 'ZINC ION' 'Zn 2'
#
# COMPACT_ATOMS: atom_id res chain seq x y z
N ASP A 5 -4.50 -8.58 23.88
CA ASP A 5 -4.19 -8.67 22.45
C ASP A 5 -2.77 -8.17 22.22
N TRP A 6 -1.87 -9.09 21.92
CA TRP A 6 -0.49 -8.75 21.67
C TRP A 6 -0.34 -8.20 20.25
N GLY A 7 0.71 -7.44 20.05
CA GLY A 7 0.99 -6.87 18.74
C GLY A 7 2.44 -6.47 18.61
N TYR A 8 2.67 -5.46 17.77
CA TYR A 8 4.02 -4.93 17.58
C TYR A 8 4.10 -3.43 17.83
N ASP A 9 3.03 -2.79 18.30
CA ASP A 9 3.12 -1.37 18.60
C ASP A 9 3.82 -1.16 19.94
N ASP A 10 3.98 0.10 20.33
CA ASP A 10 4.75 0.40 21.53
C ASP A 10 4.08 -0.14 22.79
N LYS A 11 2.75 -0.24 22.79
CA LYS A 11 2.01 -0.64 23.98
C LYS A 11 1.83 -2.15 24.12
N ASN A 12 1.66 -2.88 23.00
CA ASN A 12 1.45 -4.32 23.09
C ASN A 12 2.58 -5.13 22.45
N GLY A 13 3.72 -4.50 22.15
CA GLY A 13 4.74 -5.12 21.34
C GLY A 13 5.75 -5.95 22.09
N PRO A 14 6.84 -6.35 21.39
CA PRO A 14 7.79 -7.32 21.96
C PRO A 14 8.34 -6.97 23.33
N GLU A 15 8.59 -5.69 23.63
CA GLU A 15 9.15 -5.35 24.93
C GLU A 15 8.15 -5.56 26.06
N GLN A 16 6.86 -5.69 25.74
CA GLN A 16 5.80 -5.86 26.73
C GLN A 16 5.24 -7.28 26.79
N TRP A 17 5.64 -8.15 25.88
CA TRP A 17 5.03 -9.48 25.78
C TRP A 17 5.17 -10.28 27.08
N SER A 18 6.23 -10.02 27.85
CA SER A 18 6.47 -10.83 29.04
C SER A 18 5.40 -10.67 30.10
N LYS A 19 4.67 -9.55 30.09
CA LYS A 19 3.60 -9.35 31.07
C LYS A 19 2.51 -10.40 30.91
N LEU A 20 2.12 -10.69 29.68
CA LEU A 20 1.14 -11.73 29.41
C LEU A 20 1.78 -13.10 29.17
N TYR A 21 3.01 -13.15 28.65
CA TYR A 21 3.70 -14.40 28.34
C TYR A 21 5.08 -14.41 28.99
N PRO A 22 5.18 -14.91 30.22
CA PRO A 22 6.47 -14.88 30.93
C PRO A 22 7.59 -15.63 30.22
N ILE A 23 7.28 -16.61 29.36
CA ILE A 23 8.32 -17.31 28.63
C ILE A 23 9.09 -16.36 27.70
N ALA A 24 8.57 -15.15 27.45
CA ALA A 24 9.29 -14.18 26.64
C ALA A 24 10.68 -13.89 27.17
N ASN A 25 10.92 -14.10 28.46
CA ASN A 25 12.23 -13.94 29.09
C ASN A 25 12.92 -15.28 29.31
N GLY A 26 12.56 -16.31 28.55
CA GLY A 26 13.05 -17.65 28.78
C GLY A 26 14.46 -17.86 28.28
N ASN A 27 14.92 -19.12 28.38
CA ASN A 27 16.28 -19.47 28.01
C ASN A 27 16.43 -19.96 26.59
N ASN A 28 15.34 -20.15 25.85
CA ASN A 28 15.41 -20.63 24.48
C ASN A 28 14.58 -19.76 23.56
N GLN A 29 14.69 -18.45 23.69
CA GLN A 29 13.88 -17.51 22.91
C GLN A 29 14.52 -17.18 21.57
N SER A 30 13.67 -16.81 20.62
CA SER A 30 14.04 -16.54 19.23
C SER A 30 13.42 -15.23 18.79
N PRO A 31 14.04 -14.54 17.82
CA PRO A 31 15.24 -14.90 17.08
C PRO A 31 16.51 -14.57 17.87
N VAL A 32 17.67 -14.85 17.26
CA VAL A 32 18.96 -14.54 17.86
C VAL A 32 19.86 -13.92 16.81
N ASP A 33 20.90 -13.24 17.29
CA ASP A 33 22.01 -12.84 16.44
C ASP A 33 22.99 -13.99 16.34
N ILE A 34 23.30 -14.41 15.12
CA ILE A 34 24.25 -15.48 14.88
C ILE A 34 25.65 -14.87 14.72
N LYS A 35 26.50 -15.07 15.72
CA LYS A 35 27.90 -14.64 15.65
C LYS A 35 28.73 -15.77 15.03
N THR A 36 29.28 -15.53 13.83
CA THR A 36 29.87 -16.64 13.07
C THR A 36 31.17 -17.11 13.70
N SER A 37 31.87 -16.25 14.44
CA SER A 37 33.09 -16.68 15.12
C SER A 37 32.81 -17.58 16.32
N GLU A 38 31.55 -17.65 16.75
CA GLU A 38 31.16 -18.50 17.87
C GLU A 38 30.32 -19.69 17.44
N THR A 39 30.07 -19.87 16.15
CA THR A 39 29.34 -21.06 15.73
C THR A 39 30.27 -22.27 15.79
N LYS A 40 29.66 -23.43 15.92
CA LYS A 40 30.38 -24.70 16.05
C LYS A 40 29.99 -25.58 14.88
N HIS A 41 30.95 -25.83 13.97
CA HIS A 41 30.67 -26.76 12.89
C HIS A 41 30.43 -28.15 13.44
N ASP A 42 29.43 -28.84 12.90
CA ASP A 42 29.04 -30.16 13.36
C ASP A 42 29.05 -31.09 12.15
N THR A 43 29.95 -32.08 12.16
CA THR A 43 30.05 -33.04 11.07
C THR A 43 28.91 -34.05 11.07
N SER A 44 28.17 -34.18 12.18
CA SER A 44 27.03 -35.08 12.22
C SER A 44 25.79 -34.50 11.55
N LEU A 45 25.79 -33.20 11.25
CA LEU A 45 24.64 -32.57 10.60
C LEU A 45 24.57 -33.04 9.15
N LYS A 46 23.45 -33.67 8.79
CA LYS A 46 23.23 -34.11 7.43
C LYS A 46 22.66 -32.95 6.60
N PRO A 47 22.64 -33.07 5.28
CA PRO A 47 22.01 -32.02 4.48
C PRO A 47 20.52 -31.94 4.75
N ILE A 48 19.99 -30.72 4.56
CA ILE A 48 18.55 -30.49 4.59
C ILE A 48 17.92 -31.08 3.33
N SER A 49 16.80 -31.78 3.50
CA SER A 49 16.05 -32.32 2.36
C SER A 49 14.60 -31.91 2.52
N VAL A 50 14.09 -31.14 1.56
CA VAL A 50 12.68 -30.76 1.51
C VAL A 50 12.04 -31.37 0.26
N SER A 51 10.84 -31.88 0.42
CA SER A 51 10.09 -32.48 -0.68
C SER A 51 8.63 -32.08 -0.45
N TYR A 52 8.18 -31.06 -1.16
CA TYR A 52 6.84 -30.51 -0.99
C TYR A 52 5.98 -30.78 -2.21
N ASN A 53 4.74 -31.19 -1.96
CA ASN A 53 3.77 -31.43 -3.03
C ASN A 53 2.94 -30.15 -3.23
N PRO A 54 2.91 -29.58 -4.43
CA PRO A 54 2.17 -28.32 -4.61
C PRO A 54 0.68 -28.46 -4.36
N ALA A 55 0.15 -29.68 -4.41
CA ALA A 55 -1.27 -29.90 -4.15
C ALA A 55 -1.64 -29.68 -2.68
N THR A 56 -0.66 -29.61 -1.77
CA THR A 56 -0.97 -29.37 -0.36
C THR A 56 -1.22 -27.90 -0.03
N ALA A 57 -0.90 -26.97 -0.93
CA ALA A 57 -1.21 -25.57 -0.68
C ALA A 57 -2.71 -25.39 -0.56
N LYS A 58 -3.13 -24.62 0.46
CA LYS A 58 -4.55 -24.54 0.81
C LYS A 58 -5.11 -23.13 0.75
N GLU A 59 -4.60 -22.20 1.56
CA GLU A 59 -5.32 -20.98 1.85
C GLU A 59 -4.33 -19.91 2.29
N ILE A 60 -4.64 -18.65 1.97
CA ILE A 60 -3.88 -17.51 2.47
C ILE A 60 -4.81 -16.67 3.34
N ILE A 61 -4.30 -16.20 4.48
CA ILE A 61 -5.12 -15.56 5.50
C ILE A 61 -4.44 -14.29 5.99
N ASN A 62 -5.20 -13.21 6.09
CA ASN A 62 -4.74 -12.03 6.80
C ASN A 62 -5.02 -12.24 8.28
N VAL A 63 -3.96 -12.38 9.08
CA VAL A 63 -4.09 -12.62 10.51
C VAL A 63 -3.85 -11.34 11.31
N GLY A 64 -3.93 -10.17 10.67
CA GLY A 64 -3.90 -8.91 11.38
C GLY A 64 -2.52 -8.34 11.55
N HIS A 65 -1.61 -9.12 12.13
CA HIS A 65 -0.22 -8.71 12.27
C HIS A 65 0.64 -9.21 11.13
N SER A 66 0.12 -10.09 10.29
CA SER A 66 0.93 -10.69 9.23
C SER A 66 -0.07 -11.37 8.29
N PHE A 67 0.43 -12.15 7.32
CA PHE A 67 -0.41 -13.07 6.57
C PHE A 67 0.25 -14.44 6.56
N HIS A 68 -0.57 -15.47 6.46
CA HIS A 68 -0.10 -16.85 6.51
C HIS A 68 -0.58 -17.60 5.27
N VAL A 69 0.29 -18.45 4.72
CA VAL A 69 -0.09 -19.38 3.66
C VAL A 69 -0.08 -20.76 4.29
N ASN A 70 -1.25 -21.40 4.40
CA ASN A 70 -1.36 -22.67 5.09
C ASN A 70 -1.49 -23.81 4.11
N PHE A 71 -1.09 -24.99 4.59
CA PHE A 71 -0.99 -26.20 3.78
C PHE A 71 -1.78 -27.33 4.42
N GLU A 72 -2.39 -28.18 3.59
CA GLU A 72 -2.96 -29.44 4.07
C GLU A 72 -1.87 -30.27 4.74
N ASP A 73 -2.16 -30.76 5.95
CA ASP A 73 -1.16 -31.52 6.68
C ASP A 73 -1.74 -32.83 7.21
N ASN A 74 -2.60 -33.48 6.43
CA ASN A 74 -3.17 -34.77 6.81
C ASN A 74 -2.27 -35.96 6.53
N ASP A 75 -1.21 -35.79 5.74
CA ASP A 75 -0.31 -36.90 5.42
C ASP A 75 1.08 -36.32 5.12
N ASN A 76 2.00 -37.19 4.70
CA ASN A 76 3.39 -36.78 4.48
C ASN A 76 3.69 -36.41 3.03
N ARG A 77 2.75 -35.76 2.33
CA ARG A 77 3.03 -35.32 0.97
C ARG A 77 4.11 -34.24 0.93
N SER A 78 4.22 -33.45 1.99
CA SER A 78 5.15 -32.31 2.04
C SER A 78 5.93 -32.41 3.33
N VAL A 79 7.21 -32.74 3.24
CA VAL A 79 8.00 -33.04 4.44
C VAL A 79 9.40 -32.42 4.37
N LEU A 80 9.94 -32.17 5.55
CA LEU A 80 11.34 -31.79 5.76
C LEU A 80 12.04 -32.91 6.50
N LYS A 81 13.23 -33.29 6.01
CA LYS A 81 14.06 -34.32 6.62
C LYS A 81 15.51 -33.87 6.61
N GLY A 82 16.35 -34.63 7.33
CA GLY A 82 17.78 -34.38 7.33
C GLY A 82 18.21 -33.35 8.35
N GLY A 83 19.32 -32.68 8.09
CA GLY A 83 19.85 -31.71 9.03
C GLY A 83 20.09 -32.36 10.38
N PRO A 84 19.59 -31.73 11.45
CA PRO A 84 19.74 -32.31 12.79
C PRO A 84 18.66 -33.33 13.15
N PHE A 85 17.76 -33.65 12.24
CA PHE A 85 16.56 -34.40 12.55
C PHE A 85 16.71 -35.88 12.22
N SER A 86 16.19 -36.73 13.09
CA SER A 86 15.96 -38.12 12.74
C SER A 86 14.50 -38.36 12.34
N ASP A 87 13.59 -37.49 12.77
CA ASP A 87 12.17 -37.58 12.47
C ASP A 87 11.84 -36.77 11.22
N SER A 88 10.77 -37.17 10.55
CA SER A 88 10.21 -36.40 9.44
C SER A 88 9.30 -35.31 9.99
N TYR A 89 9.44 -34.09 9.46
CA TYR A 89 8.59 -32.97 9.86
C TYR A 89 7.68 -32.55 8.70
N ARG A 90 6.41 -32.32 9.02
CA ARG A 90 5.37 -32.08 8.02
C ARG A 90 5.13 -30.58 7.83
N LEU A 91 5.22 -30.11 6.59
CA LEU A 91 4.95 -28.72 6.28
C LEU A 91 3.53 -28.32 6.69
N PHE A 92 3.38 -27.14 7.30
CA PHE A 92 2.03 -26.63 7.52
C PHE A 92 1.83 -25.17 7.16
N GLN A 93 2.86 -24.34 7.08
CA GLN A 93 2.64 -22.94 6.77
C GLN A 93 3.96 -22.29 6.37
N PHE A 94 3.88 -21.23 5.56
CA PHE A 94 4.98 -20.28 5.46
C PHE A 94 4.42 -18.86 5.58
N HIS A 95 5.27 -17.94 6.02
CA HIS A 95 4.93 -16.54 6.19
C HIS A 95 6.22 -15.73 6.17
N PHE A 96 6.08 -14.41 6.29
CA PHE A 96 7.21 -13.50 6.26
C PHE A 96 7.18 -12.59 7.48
N HIS A 97 8.33 -12.01 7.78
CA HIS A 97 8.40 -10.84 8.65
C HIS A 97 9.10 -9.73 7.89
N TRP A 98 8.76 -8.48 8.23
CA TRP A 98 9.37 -7.32 7.59
C TRP A 98 9.41 -6.17 8.58
N GLY A 99 10.10 -5.10 8.19
CA GLY A 99 10.24 -3.91 9.00
C GLY A 99 9.64 -2.69 8.33
N SER A 100 9.67 -1.58 9.06
CA SER A 100 9.05 -0.35 8.56
C SER A 100 9.86 0.31 7.44
N THR A 101 11.16 0.09 7.42
CA THR A 101 12.00 0.54 6.31
C THR A 101 12.90 -0.61 5.88
N ASN A 102 13.60 -0.42 4.76
CA ASN A 102 14.47 -1.46 4.24
C ASN A 102 15.63 -1.81 5.18
N GLU A 103 16.02 -0.91 6.08
CA GLU A 103 17.24 -1.14 6.85
C GLU A 103 17.08 -2.24 7.90
N HIS A 104 15.85 -2.64 8.20
CA HIS A 104 15.66 -3.79 9.08
C HIS A 104 14.38 -4.45 8.63
N GLY A 105 14.08 -5.60 9.22
CA GLY A 105 12.87 -6.30 8.87
C GLY A 105 13.06 -7.77 9.12
N SER A 106 14.29 -8.25 9.03
CA SER A 106 14.53 -9.65 9.37
C SER A 106 14.41 -9.82 10.89
N GLU A 107 14.25 -11.07 11.32
CA GLU A 107 14.21 -11.40 12.74
C GLU A 107 15.58 -11.86 13.21
N HIS A 108 16.10 -12.92 12.61
CA HIS A 108 17.48 -13.27 12.86
C HIS A 108 18.40 -12.24 12.22
N THR A 109 19.56 -12.06 12.82
CA THR A 109 20.63 -11.25 12.27
C THR A 109 21.89 -12.10 12.24
N VAL A 110 22.85 -11.72 11.38
CA VAL A 110 24.10 -12.45 11.25
C VAL A 110 25.24 -11.46 11.44
N ASP A 111 26.04 -11.69 12.49
CA ASP A 111 27.11 -10.78 12.89
C ASP A 111 26.60 -9.34 12.99
N GLY A 112 25.41 -9.17 13.57
CA GLY A 112 24.81 -7.87 13.78
C GLY A 112 24.15 -7.25 12.57
N VAL A 113 24.22 -7.89 11.41
CA VAL A 113 23.66 -7.32 10.18
C VAL A 113 22.18 -7.66 10.11
N LYS A 114 21.35 -6.64 9.92
CA LYS A 114 19.91 -6.78 9.79
C LYS A 114 19.54 -6.76 8.32
N TYR A 115 18.73 -7.72 7.90
CA TYR A 115 18.23 -7.77 6.53
C TYR A 115 16.82 -7.17 6.47
N SER A 116 16.25 -7.12 5.26
CA SER A 116 15.02 -6.35 5.03
C SER A 116 13.76 -7.12 5.37
N ALA A 117 13.83 -8.44 5.32
CA ALA A 117 12.69 -9.29 5.62
C ALA A 117 13.22 -10.70 5.90
N GLU A 118 12.30 -11.62 6.19
CA GLU A 118 12.69 -12.99 6.51
C GLU A 118 11.52 -13.90 6.18
N LEU A 119 11.81 -15.00 5.51
CA LEU A 119 10.83 -16.02 5.18
C LEU A 119 10.92 -17.15 6.20
N HIS A 120 9.78 -17.59 6.72
CA HIS A 120 9.71 -18.71 7.66
C HIS A 120 8.85 -19.81 7.05
N VAL A 121 9.41 -21.02 6.98
CA VAL A 121 8.70 -22.19 6.46
C VAL A 121 8.61 -23.19 7.61
N ALA A 122 7.39 -23.44 8.08
CA ALA A 122 7.17 -24.10 9.36
C ALA A 122 6.64 -25.52 9.18
N HIS A 123 7.10 -26.43 10.04
CA HIS A 123 6.80 -27.86 9.96
C HIS A 123 6.57 -28.39 11.37
N TRP A 124 5.86 -29.52 11.48
CA TRP A 124 5.66 -30.13 12.80
C TRP A 124 5.97 -31.62 12.76
N ASN A 125 6.33 -32.14 13.94
CA ASN A 125 6.90 -33.48 14.07
C ASN A 125 5.77 -34.51 14.06
N SER A 126 5.48 -35.04 12.87
CA SER A 126 4.43 -36.02 12.71
C SER A 126 4.89 -37.44 13.01
N ALA A 127 6.20 -37.66 13.15
CA ALA A 127 6.68 -38.96 13.60
C ALA A 127 6.29 -39.22 15.04
N LYS A 128 6.30 -38.18 15.87
CA LYS A 128 6.10 -38.32 17.31
C LYS A 128 4.72 -37.87 17.79
N TYR A 129 4.08 -36.94 17.10
CA TYR A 129 2.81 -36.36 17.54
C TYR A 129 1.76 -36.52 16.47
N SER A 130 0.48 -36.40 16.87
CA SER A 130 -0.62 -36.66 15.96
CA SER A 130 -0.63 -36.66 15.98
C SER A 130 -1.19 -35.40 15.33
N SER A 131 -0.81 -34.22 15.78
CA SER A 131 -1.37 -33.00 15.20
C SER A 131 -0.45 -31.83 15.49
N LEU A 132 -0.61 -30.77 14.69
CA LEU A 132 0.08 -29.51 14.97
C LEU A 132 -0.24 -29.01 16.37
N ALA A 133 -1.52 -29.08 16.77
CA ALA A 133 -1.94 -28.65 18.10
C ALA A 133 -1.17 -29.38 19.20
N GLU A 134 -0.93 -30.69 19.03
CA GLU A 134 -0.16 -31.42 20.04
C GLU A 134 1.31 -31.04 20.00
N ALA A 135 1.87 -30.92 18.80
CA ALA A 135 3.30 -30.70 18.64
C ALA A 135 3.75 -29.31 19.04
N ALA A 136 2.86 -28.32 18.96
CA ALA A 136 3.30 -26.93 18.99
C ALA A 136 3.97 -26.53 20.30
N SER A 137 3.69 -27.23 21.39
CA SER A 137 4.30 -26.90 22.68
C SER A 137 5.39 -27.88 23.11
N LYS A 138 5.73 -28.87 22.28
CA LYS A 138 6.76 -29.85 22.60
C LYS A 138 8.14 -29.34 22.17
N ALA A 139 9.15 -29.63 23.00
CA ALA A 139 10.50 -29.13 22.73
C ALA A 139 10.99 -29.56 21.35
N ASP A 140 10.64 -30.77 20.92
CA ASP A 140 11.00 -31.27 19.60
C ASP A 140 9.83 -31.22 18.63
N GLY A 141 8.86 -30.35 18.87
CA GLY A 141 7.64 -30.36 18.10
C GLY A 141 7.69 -29.67 16.75
N LEU A 142 8.42 -28.55 16.65
CA LEU A 142 8.39 -27.72 15.45
C LEU A 142 9.77 -27.57 14.83
N ALA A 143 9.81 -27.38 13.51
CA ALA A 143 11.03 -27.08 12.77
C ALA A 143 10.71 -25.97 11.81
N VAL A 144 11.44 -24.86 11.88
CA VAL A 144 11.18 -23.73 10.98
C VAL A 144 12.46 -23.41 10.24
N ILE A 145 12.37 -23.35 8.91
CA ILE A 145 13.45 -22.83 8.07
C ILE A 145 13.30 -21.33 7.98
N GLY A 146 14.38 -20.61 8.28
CA GLY A 146 14.43 -19.15 8.10
C GLY A 146 15.37 -18.80 6.97
N VAL A 147 14.89 -17.93 6.07
CA VAL A 147 15.69 -17.39 4.97
C VAL A 147 15.71 -15.87 5.09
N LEU A 148 16.92 -15.32 5.18
CA LEU A 148 17.10 -13.88 5.23
C LEU A 148 16.86 -13.29 3.85
N MET A 149 16.12 -12.18 3.79
CA MET A 149 15.75 -11.56 2.52
C MET A 149 16.46 -10.22 2.40
N LYS A 150 17.34 -10.11 1.39
CA LYS A 150 18.19 -8.95 1.21
C LYS A 150 17.62 -8.05 0.12
N VAL A 151 17.41 -6.78 0.44
CA VAL A 151 16.81 -5.86 -0.51
C VAL A 151 17.73 -5.69 -1.71
N GLY A 152 17.13 -5.70 -2.90
CA GLY A 152 17.87 -5.69 -4.14
C GLY A 152 16.93 -5.93 -5.30
N GLU A 153 17.27 -6.86 -6.18
CA GLU A 153 16.47 -7.11 -7.37
C GLU A 153 15.15 -7.78 -7.00
N ALA A 154 14.11 -7.45 -7.78
CA ALA A 154 12.81 -8.08 -7.58
C ALA A 154 12.93 -9.59 -7.70
N ASN A 155 12.27 -10.31 -6.79
CA ASN A 155 12.32 -11.75 -6.76
C ASN A 155 11.09 -12.32 -7.45
N PRO A 156 11.21 -12.88 -8.65
CA PRO A 156 10.01 -13.33 -9.37
C PRO A 156 9.33 -14.53 -8.73
N LYS A 157 10.04 -15.31 -7.91
CA LYS A 157 9.42 -16.46 -7.25
C LYS A 157 8.38 -16.03 -6.24
N LEU A 158 8.41 -14.77 -5.81
CA LEU A 158 7.39 -14.26 -4.89
C LEU A 158 6.08 -13.93 -5.57
N GLN A 159 5.96 -14.08 -6.90
CA GLN A 159 4.89 -13.40 -7.63
C GLN A 159 3.51 -13.89 -7.25
N LYS A 160 3.32 -15.22 -7.15
CA LYS A 160 1.99 -15.72 -6.80
C LYS A 160 1.56 -15.23 -5.43
N VAL A 161 2.49 -15.18 -4.47
CA VAL A 161 2.19 -14.68 -3.13
C VAL A 161 1.75 -13.22 -3.21
N LEU A 162 2.54 -12.38 -3.88
CA LEU A 162 2.24 -10.97 -3.95
C LEU A 162 0.91 -10.72 -4.66
N ASP A 163 0.64 -11.48 -5.74
CA ASP A 163 -0.60 -11.29 -6.47
C ASP A 163 -1.82 -11.67 -5.63
N ALA A 164 -1.64 -12.50 -4.60
CA ALA A 164 -2.77 -12.93 -3.79
C ALA A 164 -3.20 -11.90 -2.76
N LEU A 165 -2.32 -10.97 -2.41
CA LEU A 165 -2.59 -10.10 -1.28
C LEU A 165 -3.79 -9.19 -1.51
N GLN A 166 -4.08 -8.84 -2.76
CA GLN A 166 -5.20 -7.93 -3.01
C GLN A 166 -6.54 -8.55 -2.63
N ALA A 167 -6.60 -9.87 -2.47
CA ALA A 167 -7.83 -10.52 -2.03
C ALA A 167 -7.91 -10.70 -0.52
N ILE A 168 -6.85 -10.38 0.21
CA ILE A 168 -6.89 -10.50 1.68
C ILE A 168 -6.38 -9.22 2.32
N LYS A 169 -6.88 -8.07 1.85
CA LYS A 169 -6.27 -6.80 2.26
C LYS A 169 -6.47 -6.49 3.74
N THR A 170 -7.59 -6.93 4.34
CA THR A 170 -7.92 -6.55 5.71
C THR A 170 -8.03 -7.77 6.61
N LYS A 171 -7.94 -7.50 7.91
CA LYS A 171 -7.85 -8.56 8.92
C LYS A 171 -8.99 -9.56 8.83
N GLY A 172 -8.65 -10.84 8.78
CA GLY A 172 -9.61 -11.91 8.78
C GLY A 172 -9.99 -12.42 7.41
N LYS A 173 -9.73 -11.66 6.34
CA LYS A 173 -9.98 -12.15 5.00
C LYS A 173 -9.07 -13.33 4.68
N ARG A 174 -9.62 -14.26 3.91
CA ARG A 174 -8.91 -15.46 3.51
C ARG A 174 -9.36 -15.84 2.11
N ALA A 175 -8.50 -16.58 1.41
CA ALA A 175 -8.79 -16.99 0.05
C ALA A 175 -8.04 -18.27 -0.26
N PRO A 176 -8.56 -19.11 -1.17
CA PRO A 176 -7.81 -20.28 -1.62
C PRO A 176 -6.45 -19.87 -2.19
N PHE A 177 -5.45 -20.68 -1.91
CA PHE A 177 -4.08 -20.48 -2.42
C PHE A 177 -3.57 -21.88 -2.72
N THR A 178 -3.55 -22.26 -3.99
CA THR A 178 -3.40 -23.65 -4.37
C THR A 178 -2.26 -23.82 -5.36
N ASN A 179 -1.83 -25.07 -5.49
CA ASN A 179 -0.87 -25.50 -6.51
C ASN A 179 0.42 -24.68 -6.43
N PHE A 180 1.06 -24.73 -5.27
CA PHE A 180 2.26 -23.94 -5.04
C PHE A 180 3.23 -24.71 -4.15
N ASP A 181 4.49 -24.79 -4.57
CA ASP A 181 5.55 -25.48 -3.86
C ASP A 181 6.51 -24.45 -3.27
N PRO A 182 6.52 -24.24 -1.95
CA PRO A 182 7.36 -23.16 -1.38
C PRO A 182 8.85 -23.49 -1.34
N SER A 183 9.27 -24.70 -1.69
CA SER A 183 10.71 -24.93 -1.87
C SER A 183 11.27 -24.06 -2.99
N THR A 184 10.41 -23.56 -3.88
CA THR A 184 10.84 -22.63 -4.93
C THR A 184 11.32 -21.30 -4.38
N LEU A 185 11.00 -20.98 -3.11
CA LEU A 185 11.42 -19.74 -2.48
C LEU A 185 12.77 -19.86 -1.77
N LEU A 186 13.27 -21.08 -1.58
CA LEU A 186 14.50 -21.30 -0.83
C LEU A 186 15.73 -20.91 -1.68
N PRO A 187 16.82 -20.55 -1.02
CA PRO A 187 18.05 -20.23 -1.77
C PRO A 187 18.65 -21.46 -2.41
N SER A 188 19.57 -21.22 -3.36
CA SER A 188 20.19 -22.31 -4.11
C SER A 188 20.96 -23.26 -3.21
N SER A 189 21.71 -22.72 -2.26
CA SER A 189 22.42 -23.54 -1.29
C SER A 189 21.59 -23.62 -0.01
N LEU A 190 21.51 -24.83 0.56
CA LEU A 190 20.83 -25.05 1.83
C LEU A 190 21.82 -25.27 2.98
N ASP A 191 23.06 -24.80 2.84
CA ASP A 191 23.95 -24.68 3.99
C ASP A 191 23.25 -23.89 5.09
N PHE A 192 23.36 -24.35 6.34
CA PHE A 192 22.53 -23.76 7.39
C PHE A 192 23.24 -23.70 8.74
N TRP A 193 22.68 -22.85 9.60
CA TRP A 193 22.89 -22.87 11.03
C TRP A 193 21.66 -23.47 11.70
N THR A 194 21.87 -24.08 12.87
CA THR A 194 20.74 -24.58 13.64
C THR A 194 20.96 -24.34 15.13
N TYR A 195 19.88 -24.06 15.85
CA TYR A 195 19.90 -23.86 17.29
C TYR A 195 18.49 -24.10 17.84
N PRO A 196 18.37 -24.49 19.10
CA PRO A 196 17.04 -24.70 19.70
C PRO A 196 16.47 -23.38 20.19
N GLY A 197 15.24 -23.09 19.78
CA GLY A 197 14.64 -21.80 20.07
C GLY A 197 13.14 -21.89 20.17
N SER A 198 12.47 -20.84 19.72
CA SER A 198 11.07 -20.62 20.07
C SER A 198 10.29 -20.05 18.89
N LEU A 199 8.96 -20.04 19.04
CA LEU A 199 8.15 -19.16 18.21
C LEU A 199 8.58 -17.72 18.46
N THR A 200 8.59 -16.90 17.42
CA THR A 200 9.07 -15.54 17.60
C THR A 200 7.98 -14.55 17.99
N HIS A 201 6.75 -15.00 18.20
CA HIS A 201 5.72 -14.15 18.77
C HIS A 201 4.79 -15.02 19.61
N PRO A 202 3.93 -14.41 20.42
CA PRO A 202 3.06 -15.21 21.29
C PRO A 202 2.36 -16.32 20.52
N PRO A 203 2.23 -17.51 21.12
CA PRO A 203 2.56 -17.80 22.52
C PRO A 203 4.03 -18.10 22.87
N LEU A 204 4.96 -17.92 21.93
CA LEU A 204 6.40 -17.93 22.22
C LEU A 204 6.90 -19.27 22.75
N TYR A 205 6.20 -20.36 22.44
CA TYR A 205 6.59 -21.70 22.88
C TYR A 205 8.03 -22.02 22.50
N GLU A 206 8.78 -22.58 23.45
CA GLU A 206 10.17 -22.97 23.18
C GLU A 206 10.20 -24.38 22.58
N SER A 207 9.67 -24.45 21.36
CA SER A 207 9.39 -25.72 20.69
C SER A 207 10.00 -25.83 19.30
N VAL A 208 10.87 -24.90 18.90
CA VAL A 208 11.31 -24.77 17.51
C VAL A 208 12.78 -25.13 17.39
N THR A 209 13.09 -26.07 16.51
CA THR A 209 14.44 -26.25 16.02
C THR A 209 14.60 -25.36 14.80
N TRP A 210 15.43 -24.33 14.91
CA TRP A 210 15.60 -23.38 13.81
C TRP A 210 16.64 -23.86 12.82
N ILE A 211 16.34 -23.66 11.53
CA ILE A 211 17.25 -23.94 10.44
C ILE A 211 17.39 -22.61 9.69
N ILE A 212 18.51 -21.91 9.87
CA ILE A 212 18.71 -20.60 9.26
C ILE A 212 19.67 -20.77 8.09
N CYS A 213 19.22 -20.46 6.88
CA CYS A 213 20.05 -20.62 5.69
C CYS A 213 21.17 -19.58 5.66
N LYS A 214 22.35 -20.02 5.24
CA LYS A 214 23.48 -19.12 5.10
C LYS A 214 23.28 -18.15 3.94
N GLU A 215 22.72 -18.63 2.83
CA GLU A 215 22.51 -17.84 1.62
C GLU A 215 21.20 -17.07 1.73
N SER A 216 21.25 -15.80 1.37
CA SER A 216 20.03 -14.98 1.37
C SER A 216 19.28 -15.13 0.03
N ILE A 217 18.02 -14.67 0.02
CA ILE A 217 17.28 -14.49 -1.21
C ILE A 217 16.99 -13.00 -1.37
N SER A 218 16.66 -12.61 -2.59
N SER A 218 16.65 -12.60 -2.59
CA SER A 218 16.44 -11.19 -2.87
CA SER A 218 16.44 -11.20 -2.87
C SER A 218 14.97 -10.82 -2.71
C SER A 218 14.96 -10.82 -2.71
N VAL A 219 14.74 -9.51 -2.55
CA VAL A 219 13.41 -8.91 -2.54
C VAL A 219 13.59 -7.45 -2.92
N SER A 220 12.67 -6.91 -3.71
CA SER A 220 12.82 -5.52 -4.12
C SER A 220 12.14 -4.58 -3.12
N SER A 221 12.55 -3.31 -3.18
CA SER A 221 11.93 -2.30 -2.32
CA SER A 221 11.92 -2.28 -2.34
C SER A 221 10.42 -2.23 -2.54
N GLU A 222 9.97 -2.40 -3.78
CA GLU A 222 8.55 -2.34 -4.10
C GLU A 222 7.82 -3.58 -3.63
N GLN A 223 8.49 -4.73 -3.66
CA GLN A 223 7.86 -5.94 -3.13
C GLN A 223 7.64 -5.81 -1.62
N LEU A 224 8.62 -5.28 -0.90
CA LEU A 224 8.44 -5.02 0.52
C LEU A 224 7.29 -4.06 0.76
N ALA A 225 7.14 -3.06 -0.12
CA ALA A 225 6.02 -2.12 0.03
C ALA A 225 4.69 -2.83 -0.08
N GLN A 226 4.60 -3.90 -0.86
CA GLN A 226 3.35 -4.66 -0.94
C GLN A 226 3.02 -5.31 0.40
N PHE A 227 4.01 -5.91 1.07
CA PHE A 227 3.77 -6.42 2.43
C PHE A 227 3.24 -5.32 3.34
N ARG A 228 3.88 -4.15 3.32
CA ARG A 228 3.54 -3.07 4.24
C ARG A 228 2.21 -2.41 3.88
N SER A 229 1.70 -2.65 2.68
CA SER A 229 0.37 -2.13 2.32
C SER A 229 -0.77 -3.04 2.77
N LEU A 230 -0.47 -4.22 3.31
CA LEU A 230 -1.52 -5.01 3.95
C LEU A 230 -2.05 -4.27 5.18
N LEU A 231 -3.33 -4.47 5.47
CA LEU A 231 -4.00 -3.69 6.51
C LEU A 231 -4.30 -4.57 7.72
N SER A 232 -4.04 -4.03 8.91
CA SER A 232 -4.28 -4.75 10.16
C SER A 232 -5.70 -4.57 10.70
N ASN A 233 -6.45 -3.60 10.18
CA ASN A 233 -7.82 -3.35 10.60
C ASN A 233 -8.78 -4.25 9.84
N VAL A 234 -10.01 -4.34 10.35
CA VAL A 234 -11.05 -5.06 9.62
C VAL A 234 -11.67 -4.13 8.57
N GLU A 235 -12.28 -4.75 7.57
CA GLU A 235 -12.91 -4.00 6.49
C GLU A 235 -13.91 -2.98 7.03
N GLY A 236 -13.81 -1.75 6.55
CA GLY A 236 -14.69 -0.67 6.95
C GLY A 236 -14.10 0.26 8.00
N ASP A 237 -13.14 -0.21 8.79
CA ASP A 237 -12.48 0.64 9.76
C ASP A 237 -11.40 1.50 9.07
N ASN A 238 -10.89 2.48 9.82
CA ASN A 238 -9.78 3.28 9.33
C ASN A 238 -8.60 2.38 9.04
N ALA A 239 -7.97 2.60 7.89
CA ALA A 239 -6.89 1.73 7.44
C ALA A 239 -5.66 1.89 8.32
N VAL A 240 -5.08 0.77 8.73
CA VAL A 240 -3.87 0.74 9.55
C VAL A 240 -2.88 -0.19 8.87
N PRO A 241 -1.94 0.33 8.08
CA PRO A 241 -0.97 -0.55 7.41
C PRO A 241 -0.16 -1.38 8.39
N MET A 242 0.15 -2.61 7.96
CA MET A 242 1.06 -3.52 8.66
C MET A 242 2.50 -3.08 8.43
N GLN A 243 2.97 -2.13 9.24
CA GLN A 243 4.26 -1.52 8.94
C GLN A 243 5.43 -2.44 9.27
N HIS A 244 5.30 -3.29 10.30
CA HIS A 244 6.41 -4.12 10.73
C HIS A 244 5.90 -5.24 11.64
N ASN A 245 6.66 -6.33 11.68
CA ASN A 245 6.28 -7.44 12.56
C ASN A 245 7.48 -8.30 12.93
N ASN A 246 8.66 -7.72 13.08
CA ASN A 246 9.85 -8.47 13.43
C ASN A 246 10.20 -8.25 14.90
N ARG A 247 10.49 -9.35 15.62
CA ARG A 247 10.91 -9.27 17.01
C ARG A 247 12.42 -8.98 17.09
N PRO A 248 12.85 -8.17 18.06
CA PRO A 248 14.29 -8.01 18.29
C PRO A 248 14.95 -9.33 18.65
N THR A 249 16.26 -9.43 18.39
CA THR A 249 16.99 -10.63 18.77
C THR A 249 17.11 -10.72 20.30
N GLN A 250 17.19 -11.97 20.77
CA GLN A 250 17.11 -12.33 22.18
C GLN A 250 18.40 -12.99 22.64
N PRO A 251 18.67 -13.02 23.95
CA PRO A 251 19.95 -13.57 24.43
C PRO A 251 20.07 -15.06 24.22
N LEU A 252 21.27 -15.51 23.84
CA LEU A 252 21.46 -16.94 23.58
C LEU A 252 21.44 -17.76 24.86
N LYS A 253 21.79 -17.16 26.00
CA LYS A 253 21.74 -17.81 27.31
C LYS A 253 22.42 -19.18 27.28
N GLY A 254 23.62 -19.21 26.72
CA GLY A 254 24.43 -20.41 26.72
C GLY A 254 24.17 -21.37 25.58
N ARG A 255 23.18 -21.12 24.73
CA ARG A 255 22.95 -22.00 23.61
C ARG A 255 24.08 -21.95 22.61
N THR A 256 24.25 -23.04 21.87
CA THR A 256 25.26 -23.13 20.81
C THR A 256 24.55 -23.13 19.46
N VAL A 257 24.97 -22.23 18.57
CA VAL A 257 24.53 -22.28 17.19
C VAL A 257 25.49 -23.18 16.42
N ARG A 258 24.98 -24.27 15.87
CA ARG A 258 25.80 -25.17 15.07
C ARG A 258 25.73 -24.80 13.59
N ALA A 259 26.83 -25.05 12.88
CA ALA A 259 26.92 -24.79 11.45
C ALA A 259 27.05 -26.11 10.69
N SER A 260 26.33 -26.21 9.59
CA SER A 260 26.44 -27.37 8.71
C SER A 260 27.61 -27.27 7.75
N PHE A 261 28.33 -26.16 7.77
CA PHE A 261 29.34 -25.86 6.75
C PHE A 261 30.59 -25.28 7.40
N ASP B 5 11.24 19.92 -4.73
CA ASP B 5 11.01 21.34 -4.94
C ASP B 5 9.80 21.82 -4.15
N TRP B 6 8.67 21.15 -4.37
CA TRP B 6 7.46 21.38 -3.60
C TRP B 6 6.79 20.04 -3.35
N GLY B 7 6.07 19.97 -2.25
CA GLY B 7 5.33 18.76 -1.91
C GLY B 7 4.24 19.08 -0.93
N TYR B 8 3.95 18.12 -0.05
CA TYR B 8 2.92 18.29 0.95
C TYR B 8 3.44 18.07 2.37
N ASP B 9 4.74 17.87 2.56
CA ASP B 9 5.32 17.68 3.88
C ASP B 9 5.48 19.03 4.58
N ASP B 10 5.99 19.00 5.81
CA ASP B 10 6.12 20.25 6.56
C ASP B 10 7.23 21.12 5.99
N LYS B 11 8.24 20.54 5.35
CA LYS B 11 9.36 21.32 4.85
C LYS B 11 9.04 22.01 3.52
N ASN B 12 8.19 21.39 2.68
CA ASN B 12 7.97 21.87 1.32
C ASN B 12 6.49 21.97 0.99
N GLY B 13 5.62 22.01 1.99
CA GLY B 13 4.20 21.94 1.78
C GLY B 13 3.52 23.27 1.57
N PRO B 14 2.18 23.24 1.57
CA PRO B 14 1.39 24.43 1.20
C PRO B 14 1.72 25.70 1.96
N GLU B 15 2.03 25.60 3.25
CA GLU B 15 2.37 26.82 3.97
C GLU B 15 3.73 27.40 3.55
N GLN B 16 4.36 26.67 2.69
CA GLN B 16 5.72 27.03 2.28
C GLN B 16 5.79 27.60 0.88
N TRP B 17 4.74 27.15 0.08
CA TRP B 17 4.75 27.25 -1.38
C TRP B 17 5.05 28.68 -1.85
N SER B 18 4.64 29.69 -1.08
CA SER B 18 4.78 31.07 -1.54
C SER B 18 6.24 31.47 -1.75
N LYS B 19 7.20 30.80 -1.09
CA LYS B 19 8.60 31.15 -1.26
C LYS B 19 9.05 30.97 -2.71
N LEU B 20 8.70 29.83 -3.30
CA LEU B 20 9.03 29.56 -4.70
C LEU B 20 7.93 29.99 -5.66
N TYR B 21 6.68 30.09 -5.19
CA TYR B 21 5.53 30.44 -6.03
C TYR B 21 4.74 31.54 -5.34
N PRO B 22 5.14 32.80 -5.51
CA PRO B 22 4.49 33.89 -4.76
C PRO B 22 3.00 34.03 -5.03
N ILE B 23 2.51 33.53 -6.17
CA ILE B 23 1.08 33.59 -6.46
C ILE B 23 0.25 32.77 -5.47
N ALA B 24 0.90 31.96 -4.63
CA ALA B 24 0.21 31.19 -3.60
C ALA B 24 -0.57 32.08 -2.65
N ASN B 25 -0.18 33.35 -2.52
CA ASN B 25 -0.89 34.32 -1.70
C ASN B 25 -1.77 35.24 -2.54
N GLY B 26 -2.13 34.83 -3.75
CA GLY B 26 -2.90 35.66 -4.64
C GLY B 26 -4.34 35.83 -4.20
N ASN B 27 -5.10 36.50 -5.06
CA ASN B 27 -6.49 36.82 -4.77
C ASN B 27 -7.47 35.83 -5.36
N ASN B 28 -7.01 34.83 -6.11
CA ASN B 28 -7.88 33.88 -6.78
C ASN B 28 -7.39 32.46 -6.55
N GLN B 29 -6.99 32.16 -5.33
CA GLN B 29 -6.42 30.85 -5.02
C GLN B 29 -7.50 29.84 -4.66
N SER B 30 -7.21 28.57 -4.96
CA SER B 30 -8.08 27.43 -4.73
C SER B 30 -7.36 26.37 -3.92
N PRO B 31 -8.10 25.51 -3.20
CA PRO B 31 -9.56 25.44 -3.08
C PRO B 31 -10.10 26.50 -2.12
N VAL B 32 -11.42 26.51 -1.94
CA VAL B 32 -12.07 27.43 -1.02
C VAL B 32 -13.14 26.66 -0.27
N ASP B 33 -13.58 27.23 0.86
CA ASP B 33 -14.80 26.76 1.50
C ASP B 33 -16.00 27.38 0.81
N ILE B 34 -17.02 26.58 0.57
CA ILE B 34 -18.27 27.06 0.00
C ILE B 34 -19.26 27.22 1.15
N LYS B 35 -19.54 28.48 1.53
CA LYS B 35 -20.53 28.79 2.55
C LYS B 35 -21.88 28.94 1.86
N THR B 36 -22.76 27.95 2.05
CA THR B 36 -23.98 27.90 1.23
C THR B 36 -24.90 29.07 1.49
N SER B 37 -24.85 29.64 2.69
CA SER B 37 -25.69 30.80 3.00
C SER B 37 -25.24 32.05 2.26
N GLU B 38 -24.01 32.07 1.74
CA GLU B 38 -23.49 33.22 0.99
C GLU B 38 -23.41 32.97 -0.51
N THR B 39 -23.84 31.82 -1.00
CA THR B 39 -23.83 31.60 -2.45
C THR B 39 -24.95 32.40 -3.10
N LYS B 40 -24.76 32.72 -4.37
CA LYS B 40 -25.69 33.55 -5.12
C LYS B 40 -26.20 32.79 -6.33
N HIS B 41 -27.52 32.67 -6.46
CA HIS B 41 -28.07 32.04 -7.64
C HIS B 41 -28.00 32.98 -8.83
N ASP B 42 -27.42 32.49 -9.92
CA ASP B 42 -27.21 33.25 -11.14
C ASP B 42 -28.04 32.58 -12.24
N THR B 43 -29.06 33.28 -12.74
CA THR B 43 -29.93 32.71 -13.75
C THR B 43 -29.23 32.51 -15.10
N SER B 44 -28.06 33.11 -15.32
CA SER B 44 -27.34 32.90 -16.57
C SER B 44 -26.56 31.60 -16.60
N LEU B 45 -26.55 30.83 -15.51
CA LEU B 45 -25.81 29.57 -15.46
C LEU B 45 -26.64 28.47 -16.11
N LYS B 46 -26.18 27.98 -17.26
CA LYS B 46 -26.81 26.86 -17.94
C LYS B 46 -26.42 25.55 -17.26
N PRO B 47 -27.16 24.47 -17.52
CA PRO B 47 -26.68 23.17 -17.05
C PRO B 47 -25.33 22.87 -17.69
N ILE B 48 -24.54 22.09 -17.01
CA ILE B 48 -23.30 21.65 -17.64
C ILE B 48 -23.61 20.40 -18.46
N SER B 49 -22.90 20.27 -19.57
CA SER B 49 -23.02 19.10 -20.43
C SER B 49 -21.62 18.55 -20.64
N VAL B 50 -21.43 17.28 -20.37
CA VAL B 50 -20.17 16.61 -20.67
C VAL B 50 -20.47 15.47 -21.63
N SER B 51 -19.70 15.41 -22.72
CA SER B 51 -19.76 14.30 -23.68
CA SER B 51 -19.76 14.29 -23.67
C SER B 51 -18.32 13.92 -23.97
N TYR B 52 -17.86 12.82 -23.38
CA TYR B 52 -16.49 12.39 -23.51
C TYR B 52 -16.43 11.16 -24.41
N ASN B 53 -15.54 11.21 -25.40
CA ASN B 53 -15.31 10.06 -26.25
C ASN B 53 -14.34 9.12 -25.55
N PRO B 54 -14.75 7.88 -25.22
CA PRO B 54 -13.88 7.00 -24.43
C PRO B 54 -12.59 6.63 -25.14
N ALA B 55 -12.51 6.81 -26.45
CA ALA B 55 -11.28 6.55 -27.19
C ALA B 55 -10.22 7.63 -26.99
N THR B 56 -10.54 8.73 -26.30
CA THR B 56 -9.54 9.74 -26.01
C THR B 56 -8.68 9.39 -24.80
N ALA B 57 -9.07 8.40 -24.01
CA ALA B 57 -8.25 7.97 -22.88
C ALA B 57 -6.90 7.46 -23.38
N LYS B 58 -5.81 7.89 -22.73
CA LYS B 58 -4.46 7.66 -23.24
C LYS B 58 -3.54 6.95 -22.26
N GLU B 59 -3.27 7.52 -21.09
CA GLU B 59 -2.15 7.06 -20.28
C GLU B 59 -2.37 7.42 -18.82
N ILE B 60 -1.96 6.53 -17.92
CA ILE B 60 -1.97 6.77 -16.49
C ILE B 60 -0.51 6.90 -16.04
N ILE B 61 -0.22 7.89 -15.18
CA ILE B 61 1.16 8.21 -14.82
C ILE B 61 1.25 8.57 -13.34
N ASN B 62 2.29 8.07 -12.68
CA ASN B 62 2.62 8.45 -11.31
C ASN B 62 3.48 9.72 -11.36
N VAL B 63 2.97 10.82 -10.80
CA VAL B 63 3.69 12.09 -10.82
C VAL B 63 4.32 12.42 -9.46
N GLY B 64 4.50 11.42 -8.59
CA GLY B 64 5.23 11.62 -7.35
C GLY B 64 4.33 12.02 -6.19
N HIS B 65 3.61 13.13 -6.34
CA HIS B 65 2.66 13.57 -5.33
C HIS B 65 1.25 13.06 -5.58
N SER B 66 0.99 12.50 -6.77
CA SER B 66 -0.34 12.04 -7.12
C SER B 66 -0.18 11.11 -8.32
N PHE B 67 -1.29 10.71 -8.92
CA PHE B 67 -1.29 10.10 -10.23
C PHE B 67 -2.31 10.79 -11.11
N HIS B 68 -2.06 10.78 -12.41
CA HIS B 68 -2.91 11.44 -13.39
C HIS B 68 -3.35 10.44 -14.45
N VAL B 69 -4.60 10.58 -14.92
CA VAL B 69 -5.08 9.86 -16.10
C VAL B 69 -5.23 10.89 -17.21
N ASN B 70 -4.42 10.77 -18.25
CA ASN B 70 -4.32 11.74 -19.31
C ASN B 70 -5.05 11.27 -20.56
N PHE B 71 -5.58 12.25 -21.30
CA PHE B 71 -6.41 12.03 -22.48
C PHE B 71 -5.79 12.70 -23.70
N GLU B 72 -6.02 12.10 -24.87
CA GLU B 72 -5.68 12.74 -26.13
C GLU B 72 -6.47 14.05 -26.27
N ASP B 73 -5.77 15.17 -26.45
CA ASP B 73 -6.44 16.47 -26.55
C ASP B 73 -6.07 17.20 -27.84
N ASN B 74 -5.81 16.45 -28.92
CA ASN B 74 -5.52 17.09 -30.20
C ASN B 74 -6.76 17.64 -30.89
N ASP B 75 -7.95 17.19 -30.51
CA ASP B 75 -9.19 17.67 -31.12
C ASP B 75 -10.27 17.77 -30.06
N ASN B 76 -11.48 18.13 -30.51
CA ASN B 76 -12.61 18.38 -29.60
C ASN B 76 -13.53 17.17 -29.46
N ARG B 77 -12.99 15.95 -29.50
CA ARG B 77 -13.86 14.77 -29.34
C ARG B 77 -14.51 14.71 -27.95
N SER B 78 -13.81 15.19 -26.93
CA SER B 78 -14.27 15.12 -25.54
C SER B 78 -14.33 16.53 -24.99
N VAL B 79 -15.55 17.01 -24.71
CA VAL B 79 -15.74 18.43 -24.42
C VAL B 79 -16.68 18.63 -23.24
N LEU B 80 -16.43 19.71 -22.50
CA LEU B 80 -17.33 20.24 -21.49
C LEU B 80 -17.95 21.52 -22.05
N LYS B 81 -19.27 21.63 -21.96
CA LYS B 81 -19.95 22.86 -22.40
C LYS B 81 -20.97 23.25 -21.35
N GLY B 82 -21.48 24.48 -21.48
CA GLY B 82 -22.60 24.91 -20.66
C GLY B 82 -22.14 25.60 -19.38
N GLY B 83 -22.96 25.56 -18.34
CA GLY B 83 -22.61 26.23 -17.10
C GLY B 83 -22.31 27.70 -17.33
N PRO B 84 -21.18 28.17 -16.80
CA PRO B 84 -20.78 29.57 -16.98
C PRO B 84 -20.09 29.86 -18.31
N PHE B 85 -19.94 28.88 -19.19
CA PHE B 85 -19.10 29.00 -20.39
C PHE B 85 -19.92 29.30 -21.63
N SER B 86 -19.34 30.12 -22.52
CA SER B 86 -19.84 30.18 -23.88
C SER B 86 -18.99 29.37 -24.85
N ASP B 87 -17.75 29.04 -24.47
CA ASP B 87 -16.88 28.17 -25.23
C ASP B 87 -17.02 26.73 -24.77
N SER B 88 -16.68 25.80 -25.66
CA SER B 88 -16.45 24.43 -25.25
C SER B 88 -15.03 24.28 -24.70
N TYR B 89 -14.88 23.42 -23.70
CA TYR B 89 -13.58 23.13 -23.09
C TYR B 89 -13.24 21.67 -23.33
N ARG B 90 -11.98 21.42 -23.70
CA ARG B 90 -11.53 20.10 -24.12
C ARG B 90 -10.93 19.34 -22.93
N LEU B 91 -11.43 18.12 -22.69
CA LEU B 91 -10.92 17.28 -21.62
C LEU B 91 -9.45 16.94 -21.84
N PHE B 92 -8.64 17.02 -20.78
CA PHE B 92 -7.26 16.55 -20.91
C PHE B 92 -6.77 15.64 -19.81
N GLN B 93 -7.35 15.67 -18.60
CA GLN B 93 -6.96 14.70 -17.59
C GLN B 93 -7.97 14.67 -16.45
N PHE B 94 -7.91 13.60 -15.66
CA PHE B 94 -8.56 13.60 -14.35
C PHE B 94 -7.62 12.98 -13.33
N HIS B 95 -7.87 13.29 -12.06
CA HIS B 95 -7.03 12.85 -10.94
C HIS B 95 -7.81 13.06 -9.65
N PHE B 96 -7.18 12.66 -8.53
CA PHE B 96 -7.84 12.70 -7.23
C PHE B 96 -6.92 13.39 -6.22
N HIS B 97 -7.53 13.85 -5.13
CA HIS B 97 -6.82 14.22 -3.92
C HIS B 97 -7.40 13.44 -2.74
N TRP B 98 -6.54 13.13 -1.78
CA TRP B 98 -6.95 12.41 -0.58
C TRP B 98 -6.13 12.88 0.61
N GLY B 99 -6.48 12.39 1.80
CA GLY B 99 -5.86 12.84 3.04
C GLY B 99 -5.28 11.69 3.83
N SER B 100 -4.61 12.06 4.93
CA SER B 100 -3.95 11.06 5.77
C SER B 100 -4.94 10.12 6.44
N THR B 101 -6.14 10.61 6.76
CA THR B 101 -7.20 9.79 7.31
C THR B 101 -8.44 9.91 6.43
N ASN B 102 -9.44 9.08 6.73
CA ASN B 102 -10.71 9.20 6.01
C ASN B 102 -11.45 10.49 6.32
N GLU B 103 -11.12 11.17 7.43
CA GLU B 103 -11.92 12.29 7.90
C GLU B 103 -11.56 13.62 7.25
N HIS B 104 -10.53 13.67 6.42
CA HIS B 104 -10.11 14.94 5.84
C HIS B 104 -9.18 14.70 4.65
N GLY B 105 -9.75 14.66 3.45
CA GLY B 105 -8.95 14.45 2.26
C GLY B 105 -9.39 15.25 1.05
N SER B 106 -10.57 15.86 1.10
CA SER B 106 -10.98 16.70 -0.02
C SER B 106 -10.24 18.03 0.03
N GLU B 107 -10.35 18.79 -1.06
CA GLU B 107 -9.74 20.10 -1.13
C GLU B 107 -10.78 21.18 -0.86
N HIS B 108 -11.84 21.24 -1.67
CA HIS B 108 -12.96 22.08 -1.34
C HIS B 108 -13.69 21.55 -0.12
N THR B 109 -14.32 22.45 0.61
CA THR B 109 -15.18 22.10 1.74
C THR B 109 -16.51 22.81 1.55
N VAL B 110 -17.55 22.32 2.22
CA VAL B 110 -18.88 22.91 2.12
C VAL B 110 -19.35 23.22 3.53
N ASP B 111 -19.50 24.51 3.83
CA ASP B 111 -19.90 24.95 5.18
C ASP B 111 -18.93 24.39 6.23
N GLY B 112 -17.65 24.36 5.87
CA GLY B 112 -16.61 23.91 6.76
C GLY B 112 -16.43 22.41 6.86
N VAL B 113 -17.29 21.62 6.21
CA VAL B 113 -17.23 20.16 6.31
C VAL B 113 -16.25 19.64 5.27
N LYS B 114 -15.26 18.89 5.72
CA LYS B 114 -14.26 18.28 4.86
C LYS B 114 -14.70 16.87 4.51
N TYR B 115 -14.55 16.50 3.23
CA TYR B 115 -14.89 15.16 2.77
C TYR B 115 -13.64 14.29 2.73
N SER B 116 -13.81 13.03 2.35
CA SER B 116 -12.72 12.06 2.40
C SER B 116 -11.75 12.19 1.24
N ALA B 117 -12.20 12.65 0.08
CA ALA B 117 -11.37 12.71 -1.10
C ALA B 117 -12.09 13.62 -2.09
N GLU B 118 -11.44 13.87 -3.24
CA GLU B 118 -12.01 14.74 -4.25
C GLU B 118 -11.50 14.33 -5.63
N LEU B 119 -12.41 14.29 -6.58
CA LEU B 119 -12.11 14.01 -7.99
C LEU B 119 -12.06 15.32 -8.75
N HIS B 120 -11.05 15.48 -9.58
CA HIS B 120 -10.90 16.64 -10.45
C HIS B 120 -10.83 16.19 -11.90
N VAL B 121 -11.69 16.76 -12.74
CA VAL B 121 -11.73 16.49 -14.16
C VAL B 121 -11.41 17.80 -14.88
N ALA B 122 -10.26 17.85 -15.56
CA ALA B 122 -9.67 19.11 -16.03
C ALA B 122 -9.79 19.26 -17.54
N HIS B 123 -10.07 20.49 -17.97
CA HIS B 123 -10.29 20.84 -19.38
C HIS B 123 -9.60 22.15 -19.69
N TRP B 124 -9.32 22.40 -20.97
CA TRP B 124 -8.76 23.67 -21.41
C TRP B 124 -9.56 24.28 -22.56
N ASN B 125 -9.46 25.60 -22.69
CA ASN B 125 -10.30 26.38 -23.61
C ASN B 125 -9.78 26.28 -25.04
N SER B 126 -10.31 25.33 -25.80
CA SER B 126 -9.87 25.14 -27.19
C SER B 126 -10.56 26.06 -28.18
N ALA B 127 -11.63 26.75 -27.77
CA ALA B 127 -12.23 27.75 -28.66
C ALA B 127 -11.31 28.96 -28.80
N LYS B 128 -10.68 29.38 -27.70
CA LYS B 128 -9.86 30.58 -27.69
C LYS B 128 -8.38 30.33 -27.90
N TYR B 129 -7.87 29.18 -27.46
CA TYR B 129 -6.45 28.90 -27.51
C TYR B 129 -6.21 27.63 -28.32
N SER B 130 -4.96 27.44 -28.73
CA SER B 130 -4.56 26.35 -29.61
C SER B 130 -3.93 25.17 -28.89
N SER B 131 -3.62 25.31 -27.60
CA SER B 131 -3.01 24.20 -26.87
C SER B 131 -3.18 24.41 -25.38
N LEU B 132 -2.97 23.33 -24.63
CA LEU B 132 -2.91 23.42 -23.17
C LEU B 132 -1.78 24.33 -22.71
N ALA B 133 -0.63 24.26 -23.38
CA ALA B 133 0.49 25.13 -23.00
C ALA B 133 0.10 26.60 -23.10
N GLU B 134 -0.63 26.98 -24.15
CA GLU B 134 -1.10 28.35 -24.30
C GLU B 134 -2.17 28.69 -23.27
N ALA B 135 -3.08 27.75 -23.00
CA ALA B 135 -4.25 28.06 -22.19
C ALA B 135 -3.95 28.07 -20.71
N ALA B 136 -2.94 27.31 -20.26
CA ALA B 136 -2.81 26.98 -18.84
C ALA B 136 -2.60 28.19 -17.95
N SER B 137 -2.08 29.29 -18.48
CA SER B 137 -1.78 30.46 -17.67
C SER B 137 -2.76 31.61 -17.90
N LYS B 138 -3.80 31.40 -18.70
CA LYS B 138 -4.79 32.43 -19.01
C LYS B 138 -5.95 32.35 -18.02
N ALA B 139 -6.50 33.53 -17.66
CA ALA B 139 -7.57 33.57 -16.65
C ALA B 139 -8.75 32.69 -17.04
N ASP B 140 -9.07 32.63 -18.34
CA ASP B 140 -10.15 31.83 -18.87
C ASP B 140 -9.64 30.56 -19.57
N GLY B 141 -8.44 30.10 -19.20
CA GLY B 141 -7.83 28.99 -19.92
C GLY B 141 -8.29 27.61 -19.49
N LEU B 142 -8.61 27.41 -18.22
CA LEU B 142 -8.87 26.07 -17.71
C LEU B 142 -10.25 25.99 -17.03
N ALA B 143 -10.84 24.79 -17.07
CA ALA B 143 -12.08 24.51 -16.34
C ALA B 143 -11.94 23.14 -15.68
N VAL B 144 -12.15 23.08 -14.37
CA VAL B 144 -12.04 21.82 -13.63
C VAL B 144 -13.35 21.56 -12.91
N ILE B 145 -13.88 20.35 -13.08
CA ILE B 145 -15.02 19.86 -12.32
C ILE B 145 -14.51 19.15 -11.08
N GLY B 146 -14.99 19.57 -9.91
CA GLY B 146 -14.68 18.90 -8.65
C GLY B 146 -15.88 18.13 -8.12
N VAL B 147 -15.64 16.89 -7.72
CA VAL B 147 -16.65 16.03 -7.10
C VAL B 147 -16.13 15.60 -5.74
N LEU B 148 -16.86 15.94 -4.70
CA LEU B 148 -16.53 15.53 -3.34
C LEU B 148 -16.82 14.05 -3.17
N MET B 149 -15.93 13.34 -2.48
CA MET B 149 -16.06 11.91 -2.30
C MET B 149 -16.21 11.59 -0.81
N LYS B 150 -17.27 10.87 -0.47
CA LYS B 150 -17.65 10.62 0.91
C LYS B 150 -17.41 9.16 1.25
N VAL B 151 -16.66 8.90 2.32
CA VAL B 151 -16.33 7.52 2.66
C VAL B 151 -17.62 6.77 3.03
N GLY B 152 -17.72 5.56 2.50
CA GLY B 152 -18.87 4.69 2.73
C GLY B 152 -18.74 3.44 1.89
N GLU B 153 -19.78 3.13 1.11
CA GLU B 153 -19.76 1.95 0.25
C GLU B 153 -18.67 2.06 -0.81
N ALA B 154 -18.09 0.92 -1.18
CA ALA B 154 -17.14 0.90 -2.28
C ALA B 154 -17.79 1.39 -3.57
N ASN B 155 -17.05 2.19 -4.31
CA ASN B 155 -17.54 2.75 -5.56
C ASN B 155 -17.04 1.89 -6.71
N PRO B 156 -17.91 1.09 -7.36
CA PRO B 156 -17.41 0.20 -8.41
C PRO B 156 -16.98 0.93 -9.67
N LYS B 157 -17.39 2.18 -9.87
CA LYS B 157 -16.96 2.94 -11.02
C LYS B 157 -15.48 3.28 -10.97
N LEU B 158 -14.87 3.21 -9.80
CA LEU B 158 -13.44 3.47 -9.63
C LEU B 158 -12.57 2.28 -10.05
N GLN B 159 -13.19 1.16 -10.43
CA GLN B 159 -12.48 -0.12 -10.51
C GLN B 159 -11.30 -0.07 -11.48
N LYS B 160 -11.52 0.35 -12.72
CA LYS B 160 -10.45 0.32 -13.70
C LYS B 160 -9.28 1.19 -13.26
N VAL B 161 -9.56 2.36 -12.65
CA VAL B 161 -8.50 3.22 -12.16
C VAL B 161 -7.70 2.53 -11.07
N LEU B 162 -8.38 1.96 -10.07
CA LEU B 162 -7.67 1.34 -8.97
C LEU B 162 -6.88 0.11 -9.42
N ASP B 163 -7.44 -0.65 -10.37
CA ASP B 163 -6.73 -1.83 -10.89
C ASP B 163 -5.47 -1.45 -11.65
N ALA B 164 -5.43 -0.25 -12.22
CA ALA B 164 -4.29 0.20 -13.00
C ALA B 164 -3.11 0.62 -12.13
N LEU B 165 -3.35 0.88 -10.84
CA LEU B 165 -2.33 1.49 -10.00
C LEU B 165 -1.13 0.57 -9.79
N GLN B 166 -1.32 -0.75 -9.86
CA GLN B 166 -0.21 -1.67 -9.63
C GLN B 166 0.88 -1.56 -10.69
N ALA B 167 0.57 -1.00 -11.86
CA ALA B 167 1.56 -0.84 -12.92
C ALA B 167 2.28 0.49 -12.86
N ILE B 168 1.87 1.40 -11.97
CA ILE B 168 2.53 2.70 -11.86
C ILE B 168 2.87 3.00 -10.40
N LYS B 169 3.47 2.02 -9.71
CA LYS B 169 3.60 2.14 -8.26
C LYS B 169 4.54 3.26 -7.83
N THR B 170 5.60 3.53 -8.61
CA THR B 170 6.62 4.49 -8.23
C THR B 170 6.68 5.69 -9.19
N LYS B 171 7.28 6.77 -8.69
CA LYS B 171 7.30 8.04 -9.41
C LYS B 171 7.94 7.89 -10.78
N GLY B 172 7.22 8.40 -11.79
CA GLY B 172 7.67 8.38 -13.16
C GLY B 172 7.14 7.21 -13.98
N LYS B 173 6.63 6.16 -13.34
CA LYS B 173 6.07 5.06 -14.12
C LYS B 173 4.78 5.50 -14.80
N ARG B 174 4.54 4.92 -15.98
CA ARG B 174 3.35 5.22 -16.77
C ARG B 174 2.91 3.96 -17.51
N ALA B 175 1.63 3.92 -17.88
CA ALA B 175 1.08 2.78 -18.58
C ALA B 175 -0.07 3.22 -19.45
N PRO B 176 -0.32 2.53 -20.56
CA PRO B 176 -1.52 2.84 -21.37
C PRO B 176 -2.79 2.67 -20.54
N PHE B 177 -3.73 3.58 -20.76
CA PHE B 177 -5.02 3.57 -20.06
C PHE B 177 -6.03 4.04 -21.09
N THR B 178 -6.81 3.11 -21.65
CA THR B 178 -7.59 3.39 -22.84
C THR B 178 -9.05 3.02 -22.62
N ASN B 179 -9.88 3.51 -23.54
CA ASN B 179 -11.30 3.17 -23.61
C ASN B 179 -11.98 3.41 -22.26
N PHE B 180 -11.98 4.68 -21.84
CA PHE B 180 -12.61 5.05 -20.57
C PHE B 180 -13.26 6.42 -20.69
N ASP B 181 -14.52 6.50 -20.28
CA ASP B 181 -15.28 7.75 -20.23
C ASP B 181 -15.37 8.20 -18.77
N PRO B 182 -14.68 9.27 -18.37
CA PRO B 182 -14.68 9.66 -16.95
C PRO B 182 -15.97 10.32 -16.49
N SER B 183 -16.88 10.66 -17.41
CA SER B 183 -18.19 11.15 -16.98
C SER B 183 -18.94 10.07 -16.19
N THR B 184 -18.55 8.81 -16.33
CA THR B 184 -19.10 7.73 -15.51
C THR B 184 -18.80 7.91 -14.03
N LEU B 185 -17.83 8.75 -13.68
CA LEU B 185 -17.50 8.99 -12.28
C LEU B 185 -18.32 10.12 -11.64
N LEU B 186 -19.07 10.88 -12.44
CA LEU B 186 -19.82 12.01 -11.94
C LEU B 186 -21.08 11.57 -11.20
N PRO B 187 -21.59 12.40 -10.30
CA PRO B 187 -22.89 12.10 -9.68
C PRO B 187 -24.01 12.22 -10.70
N SER B 188 -25.17 11.68 -10.32
CA SER B 188 -26.32 11.66 -11.22
C SER B 188 -26.79 13.07 -11.53
N SER B 189 -26.95 13.91 -10.52
CA SER B 189 -27.27 15.31 -10.72
C SER B 189 -25.99 16.13 -10.87
N LEU B 190 -26.00 17.05 -11.84
CA LEU B 190 -24.87 17.94 -12.07
C LEU B 190 -25.17 19.38 -11.65
N ASP B 191 -26.07 19.58 -10.68
CA ASP B 191 -26.17 20.88 -10.03
C ASP B 191 -24.80 21.27 -9.51
N PHE B 192 -24.46 22.56 -9.58
CA PHE B 192 -23.08 22.93 -9.28
C PHE B 192 -22.98 24.34 -8.69
N TRP B 193 -21.86 24.57 -8.02
CA TRP B 193 -21.33 25.88 -7.67
C TRP B 193 -20.17 26.22 -8.59
N THR B 194 -19.95 27.52 -8.82
CA THR B 194 -18.81 27.93 -9.63
C THR B 194 -18.19 29.21 -9.09
N TYR B 195 -16.87 29.31 -9.20
CA TYR B 195 -16.13 30.49 -8.78
C TYR B 195 -14.82 30.55 -9.56
N PRO B 196 -14.22 31.72 -9.70
CA PRO B 196 -12.92 31.83 -10.37
C PRO B 196 -11.79 31.53 -9.41
N GLY B 197 -10.89 30.63 -9.79
CA GLY B 197 -9.82 30.21 -8.90
C GLY B 197 -8.55 29.80 -9.62
N SER B 198 -7.86 28.82 -9.05
CA SER B 198 -6.49 28.52 -9.46
C SER B 198 -6.28 27.02 -9.49
N LEU B 199 -5.15 26.62 -10.09
CA LEU B 199 -4.61 25.29 -9.79
C LEU B 199 -4.39 25.17 -8.29
N THR B 200 -4.67 24.00 -7.73
CA THR B 200 -4.53 23.83 -6.28
C THR B 200 -3.13 23.39 -5.85
N HIS B 201 -2.19 23.27 -6.77
CA HIS B 201 -0.80 23.09 -6.38
C HIS B 201 0.06 23.75 -7.44
N PRO B 202 1.37 23.89 -7.19
CA PRO B 202 2.23 24.60 -8.15
C PRO B 202 2.09 24.03 -9.55
N PRO B 203 2.06 24.89 -10.57
CA PRO B 203 2.41 26.32 -10.50
C PRO B 203 1.34 27.30 -10.02
N LEU B 204 0.17 26.82 -9.57
CA LEU B 204 -0.84 27.63 -8.88
C LEU B 204 -1.43 28.74 -9.75
N TYR B 205 -1.32 28.62 -11.08
CA TYR B 205 -1.89 29.59 -11.99
C TYR B 205 -3.34 29.91 -11.67
N GLU B 206 -3.68 31.19 -11.65
CA GLU B 206 -5.06 31.60 -11.40
C GLU B 206 -5.84 31.60 -12.72
N SER B 207 -6.00 30.39 -13.24
CA SER B 207 -6.48 30.16 -14.59
C SER B 207 -7.69 29.23 -14.65
N VAL B 208 -8.30 28.90 -13.52
CA VAL B 208 -9.29 27.83 -13.47
C VAL B 208 -10.66 28.40 -13.12
N THR B 209 -11.63 28.10 -13.96
CA THR B 209 -13.04 28.25 -13.60
C THR B 209 -13.46 26.94 -12.95
N TRP B 210 -13.78 26.99 -11.66
CA TRP B 210 -14.14 25.79 -10.91
C TRP B 210 -15.62 25.50 -11.02
N ILE B 211 -15.95 24.23 -11.24
CA ILE B 211 -17.32 23.72 -11.25
C ILE B 211 -17.38 22.66 -10.15
N ILE B 212 -17.95 22.99 -8.99
CA ILE B 212 -18.02 22.05 -7.87
C ILE B 212 -19.42 21.43 -7.82
N CYS B 213 -19.50 20.11 -7.94
CA CYS B 213 -20.80 19.44 -7.94
C CYS B 213 -21.43 19.49 -6.55
N LYS B 214 -22.74 19.79 -6.49
CA LYS B 214 -23.42 19.80 -5.20
C LYS B 214 -23.52 18.39 -4.61
N GLU B 215 -23.66 17.37 -5.45
CA GLU B 215 -23.81 16.01 -4.97
C GLU B 215 -22.46 15.30 -4.92
N SER B 216 -22.27 14.48 -3.89
CA SER B 216 -21.03 13.74 -3.72
C SER B 216 -21.15 12.34 -4.33
N ILE B 217 -20.01 11.65 -4.42
CA ILE B 217 -19.97 10.24 -4.77
C ILE B 217 -19.29 9.48 -3.63
N SER B 218 -19.47 8.16 -3.63
CA SER B 218 -18.94 7.32 -2.57
CA SER B 218 -18.94 7.32 -2.57
C SER B 218 -17.53 6.82 -2.89
N VAL B 219 -16.85 6.38 -1.85
CA VAL B 219 -15.55 5.68 -1.93
C VAL B 219 -15.41 4.90 -0.64
N SER B 220 -14.80 3.71 -0.72
CA SER B 220 -14.67 2.93 0.51
C SER B 220 -13.33 3.21 1.18
N SER B 221 -13.24 2.82 2.46
CA SER B 221 -11.99 3.01 3.20
C SER B 221 -10.85 2.25 2.53
N GLU B 222 -11.13 1.05 2.00
CA GLU B 222 -10.07 0.27 1.37
C GLU B 222 -9.68 0.85 0.00
N GLN B 223 -10.61 1.49 -0.71
CA GLN B 223 -10.25 2.14 -1.95
C GLN B 223 -9.34 3.33 -1.70
N LEU B 224 -9.59 4.07 -0.63
CA LEU B 224 -8.70 5.17 -0.26
C LEU B 224 -7.32 4.65 0.12
N ALA B 225 -7.27 3.51 0.82
CA ALA B 225 -5.98 2.91 1.15
C ALA B 225 -5.19 2.57 -0.10
N GLN B 226 -5.89 2.20 -1.19
CA GLN B 226 -5.18 1.96 -2.45
C GLN B 226 -4.50 3.23 -2.97
N PHE B 227 -5.19 4.37 -2.92
CA PHE B 227 -4.53 5.64 -3.27
C PHE B 227 -3.27 5.83 -2.44
N ARG B 228 -3.38 5.64 -1.13
CA ARG B 228 -2.25 5.88 -0.23
C ARG B 228 -1.15 4.85 -0.35
N SER B 229 -1.39 3.72 -1.01
CA SER B 229 -0.34 2.75 -1.22
C SER B 229 0.52 3.07 -2.45
N LEU B 230 0.15 4.09 -3.23
CA LEU B 230 1.03 4.60 -4.26
C LEU B 230 2.27 5.19 -3.62
N LEU B 231 3.40 5.09 -4.32
CA LEU B 231 4.68 5.50 -3.77
C LEU B 231 5.19 6.76 -4.47
N SER B 232 5.67 7.72 -3.67
CA SER B 232 6.21 8.98 -4.16
C SER B 232 7.67 8.91 -4.56
N ASN B 233 8.38 7.84 -4.19
CA ASN B 233 9.78 7.66 -4.52
C ASN B 233 9.95 7.02 -5.88
N VAL B 234 11.17 7.11 -6.43
CA VAL B 234 11.49 6.38 -7.66
C VAL B 234 11.83 4.94 -7.33
N GLU B 235 11.65 4.07 -8.33
CA GLU B 235 11.91 2.64 -8.17
C GLU B 235 13.32 2.38 -7.65
N GLY B 236 13.41 1.50 -6.66
CA GLY B 236 14.67 1.12 -6.05
C GLY B 236 14.94 1.82 -4.73
N ASP B 237 14.47 3.06 -4.58
CA ASP B 237 14.61 3.75 -3.32
C ASP B 237 13.65 3.16 -2.28
N ASN B 238 13.87 3.51 -1.02
CA ASN B 238 12.95 3.05 0.02
C ASN B 238 11.56 3.59 -0.24
N ALA B 239 10.57 2.72 -0.07
CA ALA B 239 9.19 3.08 -0.41
C ALA B 239 8.68 4.18 0.51
N VAL B 240 8.02 5.18 -0.07
CA VAL B 240 7.43 6.27 0.70
C VAL B 240 5.98 6.44 0.23
N PRO B 241 5.00 5.97 0.97
CA PRO B 241 3.61 6.04 0.50
C PRO B 241 3.13 7.48 0.35
N MET B 242 2.25 7.68 -0.63
CA MET B 242 1.58 8.97 -0.85
C MET B 242 0.44 9.13 0.13
N GLN B 243 0.71 9.68 1.30
CA GLN B 243 -0.31 9.66 2.34
C GLN B 243 -1.38 10.74 2.16
N HIS B 244 -1.04 11.87 1.55
CA HIS B 244 -2.01 12.96 1.39
C HIS B 244 -1.49 13.94 0.36
N ASN B 245 -2.43 14.68 -0.24
CA ASN B 245 -2.05 15.67 -1.25
C ASN B 245 -3.14 16.73 -1.43
N ASN B 246 -3.81 17.10 -0.35
CA ASN B 246 -4.89 18.09 -0.40
C ASN B 246 -4.40 19.40 0.21
N ARG B 247 -4.59 20.51 -0.53
CA ARG B 247 -4.26 21.84 -0.04
C ARG B 247 -5.36 22.39 0.87
N PRO B 248 -5.00 23.09 1.95
CA PRO B 248 -6.03 23.78 2.74
C PRO B 248 -6.80 24.80 1.92
N THR B 249 -8.02 25.09 2.37
CA THR B 249 -8.81 26.13 1.72
C THR B 249 -8.17 27.49 1.94
N GLN B 250 -8.32 28.34 0.94
CA GLN B 250 -7.70 29.65 0.84
C GLN B 250 -8.74 30.77 0.93
N PRO B 251 -8.33 31.98 1.30
CA PRO B 251 -9.32 33.06 1.50
C PRO B 251 -10.04 33.44 0.21
N LEU B 252 -11.33 33.71 0.34
CA LEU B 252 -12.16 34.07 -0.80
C LEU B 252 -11.78 35.43 -1.38
N LYS B 253 -11.36 36.36 -0.51
CA LYS B 253 -10.90 37.70 -0.91
C LYS B 253 -11.89 38.39 -1.86
N GLY B 254 -13.15 38.41 -1.46
CA GLY B 254 -14.16 39.14 -2.21
C GLY B 254 -14.79 38.40 -3.37
N ARG B 255 -14.31 37.19 -3.70
CA ARG B 255 -14.93 36.43 -4.77
C ARG B 255 -16.34 35.97 -4.37
N THR B 256 -17.16 35.71 -5.38
CA THR B 256 -18.52 35.22 -5.20
C THR B 256 -18.59 33.77 -5.69
N VAL B 257 -19.14 32.89 -4.86
CA VAL B 257 -19.49 31.55 -5.31
C VAL B 257 -20.93 31.57 -5.81
N ARG B 258 -21.10 31.31 -7.09
CA ARG B 258 -22.44 31.29 -7.70
C ARG B 258 -22.99 29.88 -7.71
N ALA B 259 -24.31 29.77 -7.57
CA ALA B 259 -25.00 28.48 -7.57
C ALA B 259 -25.88 28.36 -8.79
N SER B 260 -25.94 27.16 -9.36
CA SER B 260 -26.78 26.88 -10.50
C SER B 260 -28.20 26.52 -10.10
N PHE B 261 -28.43 26.34 -8.81
CA PHE B 261 -29.64 25.71 -8.31
C PHE B 261 -30.16 26.49 -7.12
ZN ZN C . 7.76 -16.22 11.68
C10 O4Z D . 5.35 -20.08 13.63
C12 O4Z D . 1.63 -21.51 15.67
C16 O4Z D . -0.24 -23.47 17.84
C20 O4Z D . -1.98 -25.08 20.93
C24 O4Z D . -2.34 -22.82 20.23
C05 O4Z D . 5.89 -18.94 14.22
C06 O4Z D . 5.18 -18.23 15.17
C07 O4Z D . 3.90 -18.63 15.51
C08 O4Z D . 3.35 -19.76 14.93
C09 O4Z D . 4.06 -20.48 13.98
C15 O4Z D . 0.03 -23.23 16.36
C18 O4Z D . -2.24 -24.63 18.47
C19 O4Z D . -2.20 -24.16 19.92
C21 O4Z D . -1.93 -24.66 22.25
C22 O4Z D . -2.08 -23.33 22.55
C23 O4Z D . -2.28 -22.40 21.54
F25 O4Z D . -2.54 -21.90 19.23
N01 O4Z D . 7.53 -16.75 13.53
N11 O4Z D . 2.00 -20.14 15.33
N14 O4Z D . 0.29 -21.83 16.07
N17 O4Z D . -0.88 -24.76 17.98
O03 O4Z D . 8.45 -18.67 15.13
O04 O4Z D . 8.00 -19.25 12.47
O13 O4Z D . 2.42 -22.39 15.61
S02 O4Z D . 7.55 -18.41 13.80
ZN ZN E . -6.58 18.51 -8.41
C10 O4Z F . -5.10 20.37 -12.61
C12 O4Z F . -0.49 19.01 -13.82
C16 O4Z F . 2.56 18.66 -15.89
C20 O4Z F . -0.74 20.81 -17.38
C24 O4Z F . 0.45 22.10 -15.73
C05 O4Z F . -4.77 20.59 -11.29
C06 O4Z F . -3.46 20.44 -10.86
C07 O4Z F . -2.49 20.10 -11.77
C08 O4Z F . -2.81 19.90 -13.11
C09 O4Z F . -4.12 20.03 -13.52
C15 O4Z F . 1.69 18.17 -14.73
C18 O4Z F . 1.76 20.50 -17.17
C19 O4Z F . 0.44 21.15 -16.75
C21 O4Z F . -1.92 21.42 -16.97
C22 O4Z F . -1.92 22.36 -15.97
C23 O4Z F . -0.73 22.71 -15.34
F25 O4Z F . 1.61 22.42 -15.12
N01 O4Z F . -5.73 20.23 -8.66
N11 O4Z F . -1.82 19.52 -14.10
N14 O4Z F . 0.34 18.65 -14.95
N17 O4Z F . 2.51 20.11 -15.99
O03 O4Z F . -6.11 22.59 -9.80
O04 O4Z F . -7.42 20.43 -10.82
O13 O4Z F . -0.04 18.90 -12.73
S02 O4Z F . -6.07 21.00 -10.12
#